data_7OTH
#
_entry.id   7OTH
#
_cell.length_a   45.280
_cell.length_b   68.700
_cell.length_c   160.910
_cell.angle_alpha   90.000
_cell.angle_beta   90.000
_cell.angle_gamma   90.000
#
_symmetry.space_group_name_H-M   'P 21 21 21'
#
loop_
_entity.id
_entity.type
_entity.pdbx_description
1 polymer 'Protein mono-ADP-ribosyltransferase PARP15'
2 non-polymer 8-propan-2-yloxy-4~{H}-thieno[2,3-c]isoquinolin-5-one
3 non-polymer 'DIMETHYL SULFOXIDE'
4 water water
#
_entity_poly.entity_id   1
_entity_poly.type   'polypeptide(L)'
_entity_poly.pdbx_seq_one_letter_code
;MHHHHHHSSGVDLGTENLYFQSMNLPEHWTDMNHQLFCMVQLEPGQSEYNTIKDKFTRTCSSYAIEKIERIQNAFLWQSY
QVKKRQMDIKNDHKNNERLLFHGTDADSVPYVNQHGFNRSCAGKNAVSYGKGTYFAVDASYSAKDTYSKPDSNGRKHMYV
VRVLTGVFTKGRAGLVTPPPKNPHNPTDLFDSVTNNTRSPKLFVVFFDNQAYPEYLITFTA
;
_entity_poly.pdbx_strand_id   A,B
#
# COMPACT_ATOMS: atom_id res chain seq x y z
N ASN A 24 -0.33 4.24 -19.87
CA ASN A 24 -1.71 3.89 -20.35
C ASN A 24 -2.74 4.88 -19.77
N LEU A 25 -2.47 6.18 -19.86
CA LEU A 25 -3.32 7.25 -19.25
C LEU A 25 -4.62 7.41 -20.03
N PRO A 26 -5.79 7.49 -19.35
CA PRO A 26 -7.09 7.46 -20.02
C PRO A 26 -7.28 8.55 -21.08
N GLU A 27 -8.08 8.25 -22.10
CA GLU A 27 -8.33 9.12 -23.29
C GLU A 27 -8.88 10.48 -22.82
N HIS A 28 -9.85 10.47 -21.90
CA HIS A 28 -10.65 11.65 -21.45
C HIS A 28 -9.81 12.59 -20.57
N TRP A 29 -8.68 12.13 -20.06
CA TRP A 29 -7.65 13.02 -19.49
C TRP A 29 -7.26 14.03 -20.57
N THR A 30 -6.92 15.23 -20.16
CA THR A 30 -6.41 16.27 -21.07
C THR A 30 -4.88 16.31 -20.88
N ASP A 31 -4.19 16.79 -21.92
CA ASP A 31 -2.72 16.80 -22.02
C ASP A 31 -2.12 17.48 -20.78
N MET A 32 -1.01 16.93 -20.29
CA MET A 32 -0.40 17.42 -19.02
C MET A 32 0.98 18.06 -19.28
N ASN A 33 1.35 18.32 -20.54
CA ASN A 33 2.65 18.93 -20.91
C ASN A 33 3.77 18.15 -20.24
N HIS A 34 3.71 16.81 -20.26
CA HIS A 34 4.75 15.88 -19.74
C HIS A 34 4.88 15.97 -18.21
N GLN A 35 3.85 16.46 -17.52
CA GLN A 35 3.76 16.44 -16.03
C GLN A 35 3.02 15.17 -15.60
N LEU A 36 3.22 14.73 -14.36
CA LEU A 36 2.69 13.45 -13.84
C LEU A 36 1.46 13.68 -12.94
N PHE A 37 1.23 14.93 -12.51
CA PHE A 37 0.06 15.31 -11.66
C PHE A 37 -0.57 16.59 -12.21
N CYS A 38 -1.89 16.59 -12.36
CA CYS A 38 -2.67 17.83 -12.61
C CYS A 38 -4.09 17.68 -12.05
N MET A 39 -4.64 18.74 -11.45
CA MET A 39 -6.08 18.86 -11.15
C MET A 39 -6.71 19.69 -12.27
N VAL A 40 -7.73 19.17 -12.95
CA VAL A 40 -8.35 19.86 -14.12
C VAL A 40 -9.79 20.23 -13.75
N GLN A 41 -10.10 21.52 -13.69
CA GLN A 41 -11.49 21.95 -13.40
C GLN A 41 -12.35 21.57 -14.60
N LEU A 42 -13.48 20.89 -14.37
CA LEU A 42 -14.40 20.50 -15.46
C LEU A 42 -15.24 21.70 -15.91
N GLU A 43 -15.54 21.74 -17.20
CA GLU A 43 -16.44 22.74 -17.82
C GLU A 43 -17.87 22.37 -17.48
N PRO A 44 -18.64 23.20 -16.73
CA PRO A 44 -20.04 22.94 -16.47
C PRO A 44 -20.85 22.75 -17.78
N GLY A 45 -21.84 21.87 -17.75
CA GLY A 45 -22.77 21.65 -18.87
C GLY A 45 -22.23 20.68 -19.92
N GLN A 46 -20.95 20.31 -19.84
CA GLN A 46 -20.38 19.29 -20.75
C GLN A 46 -20.60 17.92 -20.11
N SER A 47 -20.50 16.88 -20.92
CA SER A 47 -20.97 15.50 -20.63
C SER A 47 -20.33 14.95 -19.32
N GLU A 48 -19.01 15.11 -19.18
CA GLU A 48 -18.25 14.55 -18.03
C GLU A 48 -18.74 15.22 -16.74
N TYR A 49 -18.78 16.54 -16.71
CA TYR A 49 -19.26 17.33 -15.55
C TYR A 49 -20.69 16.90 -15.17
N ASN A 50 -21.58 16.82 -16.17
CA ASN A 50 -23.00 16.44 -15.98
C ASN A 50 -23.09 15.05 -15.36
N THR A 51 -22.28 14.11 -15.83
CA THR A 51 -22.29 12.70 -15.36
C THR A 51 -21.93 12.66 -13.87
N ILE A 52 -20.88 13.38 -13.48
CA ILE A 52 -20.40 13.37 -12.07
C ILE A 52 -21.39 14.16 -11.21
N LYS A 53 -21.85 15.31 -11.70
CA LYS A 53 -22.87 16.12 -10.96
C LYS A 53 -24.09 15.25 -10.66
N ASP A 54 -24.59 14.48 -11.65
CA ASP A 54 -25.82 13.66 -11.49
CA ASP A 54 -25.80 13.65 -11.50
C ASP A 54 -25.60 12.61 -10.38
N LYS A 55 -24.43 11.97 -10.34
CA LYS A 55 -24.12 10.91 -9.33
C LYS A 55 -24.27 11.52 -7.92
N PHE A 56 -23.82 12.75 -7.76
CA PHE A 56 -23.87 13.51 -6.49
C PHE A 56 -25.31 13.98 -6.19
N THR A 57 -25.98 14.59 -7.16
CA THR A 57 -27.32 15.21 -6.92
C THR A 57 -28.39 14.12 -6.76
N ARG A 58 -28.11 12.87 -7.15
CA ARG A 58 -28.99 11.72 -6.85
C ARG A 58 -29.40 11.75 -5.36
N THR A 59 -28.49 12.09 -4.44
CA THR A 59 -28.77 12.10 -2.99
C THR A 59 -28.45 13.44 -2.34
N CYS A 60 -27.82 14.39 -3.05
CA CYS A 60 -27.32 15.67 -2.49
C CYS A 60 -27.85 16.86 -3.32
N SER A 61 -29.11 16.82 -3.75
CA SER A 61 -29.66 17.84 -4.68
C SER A 61 -29.86 19.17 -3.94
N SER A 62 -29.82 19.18 -2.60
CA SER A 62 -30.02 20.41 -1.79
C SER A 62 -28.69 21.16 -1.61
N TYR A 63 -27.58 20.59 -2.05
CA TYR A 63 -26.21 21.16 -1.92
C TYR A 63 -25.85 21.89 -3.22
N ALA A 64 -25.13 23.01 -3.10
CA ALA A 64 -24.64 23.82 -4.24
C ALA A 64 -23.21 23.40 -4.60
N ILE A 65 -23.01 22.99 -5.86
CA ILE A 65 -21.68 22.63 -6.42
C ILE A 65 -20.96 23.90 -6.86
N GLU A 66 -19.78 24.18 -6.29
CA GLU A 66 -18.92 25.30 -6.71
CA GLU A 66 -18.89 25.31 -6.69
C GLU A 66 -18.07 24.84 -7.89
N LYS A 67 -17.48 23.65 -7.81
CA LYS A 67 -16.69 23.12 -8.94
C LYS A 67 -16.51 21.61 -8.80
N ILE A 68 -16.15 20.99 -9.91
CA ILE A 68 -15.73 19.56 -9.99
C ILE A 68 -14.40 19.56 -10.72
N GLU A 69 -13.39 18.93 -10.10
CA GLU A 69 -12.04 18.82 -10.68
C GLU A 69 -11.75 17.34 -10.99
N ARG A 70 -11.18 17.09 -12.17
CA ARG A 70 -10.66 15.76 -12.55
C ARG A 70 -9.26 15.60 -11.95
N ILE A 71 -9.02 14.51 -11.22
CA ILE A 71 -7.68 14.24 -10.63
C ILE A 71 -6.89 13.41 -11.64
N GLN A 72 -5.80 13.97 -12.16
CA GLN A 72 -4.92 13.30 -13.14
C GLN A 72 -3.61 13.01 -12.43
N ASN A 73 -3.52 11.85 -11.78
CA ASN A 73 -2.32 11.45 -11.02
C ASN A 73 -1.81 10.17 -11.67
N ALA A 74 -0.82 10.30 -12.56
CA ALA A 74 -0.29 9.18 -13.38
C ALA A 74 0.15 8.01 -12.50
N PHE A 75 0.94 8.27 -11.46
CA PHE A 75 1.53 7.22 -10.56
C PHE A 75 0.40 6.48 -9.82
N LEU A 76 -0.54 7.20 -9.22
CA LEU A 76 -1.67 6.55 -8.49
C LEU A 76 -2.48 5.72 -9.49
N TRP A 77 -2.73 6.26 -10.69
CA TRP A 77 -3.52 5.56 -11.73
C TRP A 77 -2.80 4.26 -12.11
N GLN A 78 -1.50 4.32 -12.34
CA GLN A 78 -0.67 3.15 -12.76
CA GLN A 78 -0.74 3.13 -12.80
C GLN A 78 -0.82 2.05 -11.72
N SER A 79 -0.55 2.40 -10.46
CA SER A 79 -0.56 1.45 -9.31
C SER A 79 -1.96 0.85 -9.13
N TYR A 80 -3.01 1.68 -9.27
CA TYR A 80 -4.42 1.22 -9.19
C TYR A 80 -4.73 0.24 -10.33
N GLN A 81 -4.35 0.59 -11.57
CA GLN A 81 -4.67 -0.23 -12.77
C GLN A 81 -3.97 -1.59 -12.65
N VAL A 82 -2.77 -1.64 -12.07
CA VAL A 82 -2.06 -2.92 -11.84
C VAL A 82 -2.88 -3.77 -10.86
N LYS A 83 -3.34 -3.17 -9.76
CA LYS A 83 -4.19 -3.88 -8.79
C LYS A 83 -5.49 -4.36 -9.46
N LYS A 84 -6.11 -3.54 -10.32
CA LYS A 84 -7.35 -3.93 -11.02
C LYS A 84 -7.07 -5.16 -11.91
N ARG A 85 -6.00 -5.12 -12.69
CA ARG A 85 -5.65 -6.28 -13.58
C ARG A 85 -5.46 -7.53 -12.71
N GLN A 86 -4.78 -7.42 -11.57
CA GLN A 86 -4.53 -8.56 -10.66
C GLN A 86 -5.86 -9.06 -10.10
N MET A 87 -6.74 -8.16 -9.68
CA MET A 87 -8.03 -8.57 -9.06
C MET A 87 -8.93 -9.23 -10.12
N ASP A 88 -8.91 -8.74 -11.35
CA ASP A 88 -9.67 -9.32 -12.50
C ASP A 88 -9.19 -10.76 -12.74
N ILE A 89 -7.88 -11.02 -12.68
CA ILE A 89 -7.28 -12.39 -12.81
C ILE A 89 -7.70 -13.26 -11.63
N LYS A 90 -7.50 -12.76 -10.42
CA LYS A 90 -7.68 -13.52 -9.15
C LYS A 90 -9.15 -13.95 -9.03
N ASN A 91 -10.08 -13.05 -9.34
CA ASN A 91 -11.53 -13.27 -9.11
C ASN A 91 -12.13 -13.98 -10.33
N ASP A 92 -11.45 -13.96 -11.48
CA ASP A 92 -11.87 -14.68 -12.71
C ASP A 92 -13.14 -14.00 -13.25
N HIS A 93 -12.97 -13.08 -14.21
CA HIS A 93 -14.01 -12.11 -14.65
C HIS A 93 -14.35 -11.19 -13.46
N LYS A 94 -15.64 -10.97 -13.23
CA LYS A 94 -16.25 -10.10 -12.18
C LYS A 94 -15.90 -8.64 -12.46
N ASN A 95 -16.91 -7.78 -12.44
CA ASN A 95 -16.74 -6.31 -12.25
C ASN A 95 -16.31 -6.14 -10.79
N ASN A 96 -15.04 -5.82 -10.57
CA ASN A 96 -14.46 -5.68 -9.21
C ASN A 96 -14.51 -4.22 -8.75
N GLU A 97 -14.96 -3.32 -9.61
CA GLU A 97 -14.84 -1.85 -9.42
C GLU A 97 -16.22 -1.23 -9.13
N ARG A 98 -16.26 -0.30 -8.19
CA ARG A 98 -17.45 0.52 -7.83
C ARG A 98 -17.02 1.98 -7.79
N LEU A 99 -17.94 2.89 -8.10
CA LEU A 99 -17.71 4.34 -7.99
C LEU A 99 -18.37 4.81 -6.69
N LEU A 100 -17.57 5.23 -5.73
CA LEU A 100 -18.05 5.54 -4.37
C LEU A 100 -17.60 6.95 -3.99
N PHE A 101 -18.04 7.42 -2.83
CA PHE A 101 -17.80 8.78 -2.33
C PHE A 101 -16.94 8.74 -1.07
N HIS A 102 -16.11 9.74 -0.91
CA HIS A 102 -15.29 9.91 0.31
C HIS A 102 -15.24 11.39 0.67
N GLY A 103 -15.87 11.74 1.79
CA GLY A 103 -15.82 13.10 2.34
C GLY A 103 -14.55 13.25 3.14
N THR A 104 -13.86 14.37 3.02
CA THR A 104 -12.68 14.65 3.87
C THR A 104 -12.58 16.14 4.15
N ASP A 105 -11.71 16.48 5.11
CA ASP A 105 -11.45 17.89 5.49
C ASP A 105 -10.50 18.51 4.46
N ALA A 106 -10.54 19.83 4.36
CA ALA A 106 -9.73 20.64 3.42
C ALA A 106 -8.22 20.36 3.61
N ASP A 107 -7.77 20.13 4.84
CA ASP A 107 -6.31 19.97 5.11
C ASP A 107 -5.80 18.62 4.59
N SER A 108 -6.68 17.63 4.35
CA SER A 108 -6.31 16.30 3.81
C SER A 108 -6.33 16.29 2.27
N VAL A 109 -6.92 17.29 1.63
CA VAL A 109 -7.14 17.28 0.14
C VAL A 109 -5.81 17.22 -0.62
N PRO A 110 -4.80 18.07 -0.34
CA PRO A 110 -3.51 17.99 -1.05
C PRO A 110 -2.85 16.60 -0.95
N TYR A 111 -2.84 16.01 0.23
CA TYR A 111 -2.29 14.64 0.43
C TYR A 111 -3.04 13.64 -0.44
N VAL A 112 -4.39 13.63 -0.39
CA VAL A 112 -5.18 12.62 -1.15
C VAL A 112 -4.95 12.81 -2.64
N ASN A 113 -4.95 14.05 -3.12
CA ASN A 113 -4.72 14.32 -4.57
C ASN A 113 -3.43 13.66 -5.03
N GLN A 114 -2.37 13.74 -4.21
CA GLN A 114 -1.00 13.33 -4.58
CA GLN A 114 -1.00 13.33 -4.58
C GLN A 114 -0.76 11.85 -4.23
N HIS A 115 -1.28 11.41 -3.09
CA HIS A 115 -0.90 10.10 -2.48
C HIS A 115 -2.08 9.13 -2.37
N GLY A 116 -3.31 9.57 -2.64
CA GLY A 116 -4.50 8.73 -2.49
C GLY A 116 -4.85 8.50 -1.02
N PHE A 117 -5.45 7.35 -0.72
CA PHE A 117 -6.11 7.09 0.57
C PHE A 117 -5.21 6.19 1.41
N ASN A 118 -4.97 6.60 2.65
CA ASN A 118 -3.98 5.96 3.55
C ASN A 118 -4.69 5.57 4.85
N ARG A 119 -4.82 4.26 5.10
CA ARG A 119 -5.53 3.74 6.30
C ARG A 119 -4.82 4.22 7.57
N SER A 120 -3.54 4.56 7.50
CA SER A 120 -2.72 4.94 8.68
C SER A 120 -3.09 6.34 9.17
N CYS A 121 -3.89 7.09 8.40
CA CYS A 121 -4.29 8.50 8.71
C CYS A 121 -5.60 8.52 9.51
N ALA A 122 -6.73 8.29 8.85
CA ALA A 122 -8.13 8.47 9.36
C ALA A 122 -8.13 8.64 10.89
N ALA A 126 -14.06 6.91 13.57
CA ALA A 126 -14.86 5.67 13.76
C ALA A 126 -14.43 4.62 12.73
N VAL A 127 -13.98 3.45 13.22
CA VAL A 127 -13.46 2.31 12.40
C VAL A 127 -14.21 1.04 12.82
N SER A 128 -15.53 1.20 12.87
CA SER A 128 -16.56 0.19 13.25
C SER A 128 -16.45 -1.09 12.44
N TYR A 129 -16.04 -1.00 11.16
CA TYR A 129 -16.00 -2.18 10.26
C TYR A 129 -14.56 -2.52 9.88
N GLY A 130 -13.57 -1.94 10.56
CA GLY A 130 -12.15 -2.30 10.39
C GLY A 130 -11.26 -1.10 10.15
N LYS A 131 -9.96 -1.30 10.34
CA LYS A 131 -8.95 -0.21 10.24
C LYS A 131 -8.53 -0.09 8.78
N GLY A 132 -9.40 0.50 7.97
CA GLY A 132 -9.16 0.74 6.55
C GLY A 132 -9.66 2.11 6.15
N THR A 133 -9.76 2.37 4.85
CA THR A 133 -10.34 3.61 4.32
C THR A 133 -11.81 3.30 3.96
N TYR A 134 -12.70 4.22 4.30
CA TYR A 134 -14.17 4.09 4.21
C TYR A 134 -14.67 4.87 3.00
N PHE A 135 -15.55 4.25 2.23
CA PHE A 135 -16.18 4.84 1.03
C PHE A 135 -17.69 4.59 1.10
N ALA A 136 -18.49 5.60 0.75
CA ALA A 136 -19.96 5.57 0.84
C ALA A 136 -20.57 5.31 -0.53
N VAL A 137 -21.66 4.54 -0.57
CA VAL A 137 -22.45 4.31 -1.81
C VAL A 137 -23.14 5.63 -2.18
N ASP A 138 -23.64 6.37 -1.20
CA ASP A 138 -24.45 7.61 -1.38
C ASP A 138 -23.64 8.84 -0.99
N ALA A 139 -23.60 9.85 -1.86
CA ALA A 139 -22.93 11.14 -1.56
C ALA A 139 -23.48 11.71 -0.25
N SER A 140 -24.78 11.52 0.04
CA SER A 140 -25.45 12.07 1.25
C SER A 140 -24.70 11.63 2.52
N TYR A 141 -24.17 10.40 2.54
CA TYR A 141 -23.43 9.86 3.72
C TYR A 141 -22.14 10.66 3.90
N SER A 142 -21.36 10.81 2.82
CA SER A 142 -20.06 11.53 2.81
C SER A 142 -20.26 13.03 3.02
N ALA A 143 -21.47 13.55 2.75
CA ALA A 143 -21.84 14.98 2.86
C ALA A 143 -22.02 15.39 4.32
N LYS A 144 -22.09 14.42 5.25
CA LYS A 144 -22.15 14.73 6.71
C LYS A 144 -20.91 15.54 7.09
N ASP A 145 -21.09 16.55 7.95
CA ASP A 145 -19.99 17.45 8.38
C ASP A 145 -18.88 16.66 9.09
N THR A 146 -19.17 15.51 9.71
CA THR A 146 -18.16 14.65 10.38
CA THR A 146 -18.15 14.67 10.39
C THR A 146 -17.12 14.16 9.37
N TYR A 147 -17.50 14.05 8.08
CA TYR A 147 -16.59 13.54 7.02
C TYR A 147 -16.11 14.70 6.15
N SER A 148 -17.03 15.38 5.47
CA SER A 148 -16.70 16.55 4.61
C SER A 148 -16.81 17.82 5.46
N LYS A 149 -15.86 17.97 6.39
CA LYS A 149 -15.84 19.07 7.40
C LYS A 149 -15.83 20.40 6.65
N PRO A 150 -16.82 21.29 6.90
CA PRO A 150 -16.83 22.61 6.26
C PRO A 150 -15.58 23.39 6.68
N ASP A 151 -14.90 24.06 5.75
CA ASP A 151 -13.72 24.90 6.06
C ASP A 151 -14.23 26.26 6.57
N SER A 152 -13.34 27.23 6.80
CA SER A 152 -13.68 28.58 7.34
C SER A 152 -14.74 29.26 6.46
N ASN A 153 -14.80 28.92 5.17
CA ASN A 153 -15.70 29.58 4.17
C ASN A 153 -17.00 28.79 3.99
N GLY A 154 -17.18 27.67 4.70
CA GLY A 154 -18.37 26.79 4.58
C GLY A 154 -18.24 25.80 3.43
N ARG A 155 -17.08 25.76 2.76
CA ARG A 155 -16.83 24.86 1.61
C ARG A 155 -16.55 23.45 2.12
N LYS A 156 -17.21 22.47 1.51
CA LYS A 156 -17.09 21.04 1.87
C LYS A 156 -16.43 20.35 0.67
N HIS A 157 -15.76 19.22 0.90
CA HIS A 157 -14.97 18.51 -0.13
C HIS A 157 -15.31 17.02 -0.09
N MET A 158 -15.59 16.45 -1.26
CA MET A 158 -15.92 15.03 -1.40
C MET A 158 -15.28 14.52 -2.68
N TYR A 159 -14.60 13.38 -2.60
CA TYR A 159 -14.05 12.67 -3.77
C TYR A 159 -15.09 11.72 -4.31
N VAL A 160 -15.05 11.54 -5.62
CA VAL A 160 -15.65 10.42 -6.35
C VAL A 160 -14.50 9.47 -6.67
N VAL A 161 -14.61 8.23 -6.21
CA VAL A 161 -13.46 7.30 -6.08
C VAL A 161 -13.79 6.03 -6.84
N ARG A 162 -12.85 5.57 -7.69
CA ARG A 162 -12.90 4.20 -8.23
C ARG A 162 -12.32 3.29 -7.14
N VAL A 163 -13.12 2.35 -6.66
CA VAL A 163 -12.73 1.43 -5.55
C VAL A 163 -12.82 -0.01 -6.05
N LEU A 164 -11.74 -0.77 -5.83
CA LEU A 164 -11.70 -2.22 -6.10
C LEU A 164 -12.34 -2.96 -4.92
N THR A 165 -13.68 -3.00 -4.90
CA THR A 165 -14.45 -3.66 -3.82
C THR A 165 -14.37 -5.18 -4.00
N GLY A 166 -14.25 -5.65 -5.23
CA GLY A 166 -14.12 -7.08 -5.56
C GLY A 166 -15.16 -7.93 -4.87
N VAL A 167 -14.73 -9.04 -4.28
CA VAL A 167 -15.62 -9.94 -3.51
C VAL A 167 -15.58 -9.48 -2.06
N PHE A 168 -16.74 -9.24 -1.48
CA PHE A 168 -16.81 -8.60 -0.14
C PHE A 168 -17.64 -9.42 0.84
N THR A 169 -17.41 -9.13 2.12
CA THR A 169 -18.09 -9.79 3.26
C THR A 169 -18.40 -8.71 4.29
N LYS A 170 -19.20 -9.04 5.29
CA LYS A 170 -19.48 -8.11 6.42
C LYS A 170 -18.21 -7.88 7.22
N GLY A 171 -17.94 -6.61 7.54
CA GLY A 171 -16.79 -6.23 8.38
C GLY A 171 -17.17 -6.26 9.86
N ARG A 172 -16.20 -5.92 10.70
CA ARG A 172 -16.33 -5.87 12.17
CA ARG A 172 -16.36 -5.83 12.18
C ARG A 172 -15.16 -5.05 12.72
N ALA A 173 -15.30 -4.54 13.94
CA ALA A 173 -14.32 -3.65 14.58
C ALA A 173 -13.00 -4.43 14.71
N GLY A 174 -11.88 -3.74 14.45
CA GLY A 174 -10.54 -4.26 14.73
C GLY A 174 -9.90 -4.99 13.57
N LEU A 175 -10.60 -5.27 12.47
CA LEU A 175 -9.98 -5.91 11.28
C LEU A 175 -8.81 -5.02 10.80
N VAL A 176 -7.67 -5.61 10.47
CA VAL A 176 -6.53 -4.89 9.82
C VAL A 176 -6.44 -5.29 8.34
N THR A 177 -7.05 -6.41 7.96
CA THR A 177 -7.21 -6.86 6.54
C THR A 177 -8.60 -7.46 6.43
N PRO A 178 -9.16 -7.68 5.24
CA PRO A 178 -10.43 -8.37 5.14
C PRO A 178 -10.25 -9.81 5.65
N PRO A 179 -11.34 -10.46 6.08
CA PRO A 179 -11.30 -11.85 6.51
C PRO A 179 -10.90 -12.78 5.38
N PRO A 180 -10.39 -14.00 5.67
CA PRO A 180 -10.24 -15.03 4.63
C PRO A 180 -11.59 -15.50 4.07
N LYS A 181 -11.63 -15.90 2.80
CA LYS A 181 -12.86 -16.43 2.13
C LYS A 181 -13.20 -17.82 2.67
N ASN A 182 -12.22 -18.49 3.27
CA ASN A 182 -12.39 -19.76 4.02
C ASN A 182 -11.22 -19.90 4.98
N PRO A 183 -11.45 -20.02 6.32
CA PRO A 183 -10.34 -20.11 7.27
C PRO A 183 -9.41 -21.34 7.09
N HIS A 184 -9.74 -22.28 6.20
CA HIS A 184 -8.87 -23.42 5.80
C HIS A 184 -7.67 -22.91 4.97
N ASN A 185 -7.87 -21.86 4.17
CA ASN A 185 -6.81 -21.14 3.41
C ASN A 185 -6.78 -19.69 3.89
N PRO A 186 -6.18 -19.41 5.08
CA PRO A 186 -6.33 -18.10 5.71
C PRO A 186 -5.59 -16.93 5.03
N THR A 187 -4.91 -17.14 3.89
CA THR A 187 -4.22 -16.05 3.15
C THR A 187 -5.00 -15.66 1.88
N ASP A 188 -6.05 -16.39 1.53
CA ASP A 188 -6.92 -16.06 0.36
C ASP A 188 -8.07 -15.17 0.87
N LEU A 189 -7.92 -13.85 0.75
CA LEU A 189 -8.76 -12.86 1.49
C LEU A 189 -9.91 -12.37 0.62
N PHE A 190 -11.00 -11.94 1.25
CA PHE A 190 -11.97 -11.00 0.61
C PHE A 190 -11.19 -9.77 0.17
N ASP A 191 -11.72 -9.05 -0.81
CA ASP A 191 -11.08 -7.82 -1.36
C ASP A 191 -11.44 -6.61 -0.50
N SER A 192 -12.63 -6.62 0.11
CA SER A 192 -13.12 -5.50 0.95
C SER A 192 -14.17 -6.00 1.95
N VAL A 193 -14.58 -5.13 2.85
CA VAL A 193 -15.71 -5.46 3.75
C VAL A 193 -16.77 -4.36 3.63
N THR A 194 -17.96 -4.67 4.11
CA THR A 194 -19.12 -3.75 4.04
C THR A 194 -19.92 -3.82 5.35
N ASN A 195 -20.85 -2.89 5.51
CA ASN A 195 -21.79 -2.88 6.65
C ASN A 195 -22.84 -3.99 6.46
N ASN A 196 -23.19 -4.28 5.20
CA ASN A 196 -24.37 -5.11 4.85
C ASN A 196 -24.17 -5.69 3.44
N THR A 197 -24.00 -7.01 3.34
CA THR A 197 -23.63 -7.68 2.08
C THR A 197 -24.80 -7.63 1.09
N ARG A 198 -26.04 -7.70 1.57
CA ARG A 198 -27.24 -7.76 0.68
C ARG A 198 -27.56 -6.37 0.14
N SER A 199 -27.34 -5.31 0.93
CA SER A 199 -27.65 -3.91 0.55
C SER A 199 -26.57 -2.98 1.11
N PRO A 200 -25.34 -3.03 0.56
CA PRO A 200 -24.22 -2.26 1.11
C PRO A 200 -24.40 -0.74 1.00
N LYS A 201 -24.05 -0.01 2.05
CA LYS A 201 -24.03 1.47 1.98
C LYS A 201 -22.60 2.00 2.16
N LEU A 202 -21.68 1.18 2.65
CA LEU A 202 -20.25 1.59 2.75
C LEU A 202 -19.35 0.39 2.47
N PHE A 203 -18.13 0.69 2.04
CA PHE A 203 -17.08 -0.32 1.79
C PHE A 203 -15.81 0.17 2.47
N VAL A 204 -15.03 -0.77 2.97
CA VAL A 204 -13.73 -0.49 3.62
C VAL A 204 -12.68 -1.28 2.84
N VAL A 205 -11.60 -0.63 2.42
CA VAL A 205 -10.44 -1.33 1.78
C VAL A 205 -9.22 -1.10 2.66
N PHE A 206 -8.28 -2.03 2.62
CA PHE A 206 -7.22 -2.17 3.64
C PHE A 206 -5.83 -2.08 3.02
N PHE A 207 -5.75 -1.78 1.73
CA PHE A 207 -4.46 -1.74 0.99
C PHE A 207 -4.40 -0.47 0.15
N ASP A 208 -3.19 0.07 0.05
N ASP A 208 -3.17 -0.02 -0.11
CA ASP A 208 -2.85 1.14 -0.91
CA ASP A 208 -2.84 1.35 -0.61
C ASP A 208 -3.07 0.52 -2.30
C ASP A 208 -3.44 1.64 -2.00
N ASN A 209 -3.48 1.32 -3.28
N ASN A 209 -3.38 0.72 -2.94
CA ASN A 209 -3.62 0.78 -4.66
CA ASN A 209 -3.68 1.16 -4.33
C ASN A 209 -5.04 0.27 -4.88
C ASN A 209 -4.96 0.46 -4.80
N GLN A 210 -5.93 0.30 -3.87
CA GLN A 210 -7.30 -0.25 -4.11
C GLN A 210 -8.32 0.86 -4.36
N ALA A 211 -7.92 2.13 -4.33
CA ALA A 211 -8.85 3.27 -4.51
C ALA A 211 -8.15 4.36 -5.31
N TYR A 212 -8.78 4.86 -6.36
CA TYR A 212 -8.24 5.96 -7.18
C TYR A 212 -9.17 7.15 -7.06
N PRO A 213 -8.72 8.27 -6.47
CA PRO A 213 -9.56 9.46 -6.34
C PRO A 213 -9.67 10.06 -7.75
N GLU A 214 -10.86 10.02 -8.35
CA GLU A 214 -11.04 10.40 -9.79
C GLU A 214 -11.53 11.85 -9.91
N TYR A 215 -12.46 12.27 -9.05
CA TYR A 215 -12.98 13.66 -9.05
C TYR A 215 -13.06 14.20 -7.64
N LEU A 216 -12.86 15.52 -7.50
CA LEU A 216 -13.05 16.27 -6.25
C LEU A 216 -14.20 17.24 -6.46
N ILE A 217 -15.25 17.10 -5.64
CA ILE A 217 -16.42 18.03 -5.67
C ILE A 217 -16.24 19.02 -4.53
N THR A 218 -16.22 20.31 -4.85
CA THR A 218 -16.26 21.41 -3.86
C THR A 218 -17.69 21.94 -3.84
N PHE A 219 -18.34 21.96 -2.67
CA PHE A 219 -19.80 22.22 -2.56
C PHE A 219 -20.10 22.85 -1.20
N THR A 220 -21.33 23.36 -1.04
CA THR A 220 -21.81 24.04 0.20
C THR A 220 -23.23 23.56 0.53
N ALA A 221 -23.61 23.64 1.81
CA ALA A 221 -24.92 23.20 2.33
C ALA A 221 -26.04 24.16 1.88
N ASN B 24 5.80 -9.15 -17.22
CA ASN B 24 6.85 -10.19 -17.51
C ASN B 24 7.77 -10.33 -16.30
N LEU B 25 7.96 -11.56 -15.85
CA LEU B 25 8.66 -11.93 -14.59
C LEU B 25 10.14 -12.16 -14.91
N PRO B 26 11.05 -12.15 -13.92
CA PRO B 26 12.48 -12.33 -14.21
C PRO B 26 12.77 -13.69 -14.87
N GLU B 27 13.66 -13.72 -15.85
CA GLU B 27 13.84 -14.90 -16.76
C GLU B 27 14.51 -16.07 -16.04
N HIS B 28 15.18 -15.82 -14.91
CA HIS B 28 15.88 -16.88 -14.14
C HIS B 28 14.92 -17.57 -13.17
N TRP B 29 13.70 -17.04 -12.97
CA TRP B 29 12.68 -17.70 -12.10
C TRP B 29 12.34 -19.06 -12.72
N THR B 30 11.95 -20.02 -11.89
CA THR B 30 11.41 -21.32 -12.39
C THR B 30 10.08 -21.04 -13.08
N ASP B 31 9.74 -21.82 -14.09
CA ASP B 31 8.44 -21.77 -14.79
C ASP B 31 7.39 -22.21 -13.76
N MET B 32 6.38 -21.38 -13.54
CA MET B 32 5.34 -21.63 -12.50
C MET B 32 4.07 -22.22 -13.14
N ASN B 33 4.06 -22.41 -14.46
CA ASN B 33 3.00 -23.16 -15.18
C ASN B 33 1.66 -22.43 -14.98
N HIS B 34 1.64 -21.13 -15.29
CA HIS B 34 0.44 -20.23 -15.21
C HIS B 34 0.14 -19.79 -13.77
N GLN B 35 0.70 -20.46 -12.75
CA GLN B 35 0.41 -20.14 -11.32
C GLN B 35 1.18 -18.88 -10.91
N LEU B 36 0.74 -18.25 -9.82
CA LEU B 36 1.07 -16.84 -9.49
C LEU B 36 2.11 -16.81 -8.37
N PHE B 37 2.41 -17.95 -7.76
CA PHE B 37 3.23 -17.99 -6.52
C PHE B 37 3.93 -19.32 -6.38
N CYS B 38 5.21 -19.30 -5.98
N CYS B 38 5.18 -19.30 -5.94
CA CYS B 38 6.04 -20.51 -5.74
CA CYS B 38 5.86 -20.53 -5.47
C CYS B 38 7.23 -20.17 -4.84
C CYS B 38 7.17 -20.16 -4.78
N MET B 39 7.59 -21.06 -3.92
CA MET B 39 8.85 -20.96 -3.14
C MET B 39 9.82 -21.94 -3.79
N VAL B 40 11.01 -21.48 -4.17
CA VAL B 40 12.04 -22.34 -4.81
C VAL B 40 13.22 -22.54 -3.88
N GLN B 41 13.47 -23.78 -3.49
CA GLN B 41 14.60 -24.16 -2.62
C GLN B 41 15.90 -24.00 -3.42
N LEU B 42 16.85 -23.24 -2.91
CA LEU B 42 18.16 -22.99 -3.57
C LEU B 42 19.16 -24.07 -3.15
N GLU B 43 20.15 -24.29 -4.01
CA GLU B 43 21.19 -25.34 -3.80
C GLU B 43 22.45 -24.65 -3.32
N PRO B 44 23.04 -25.10 -2.20
CA PRO B 44 24.36 -24.62 -1.77
C PRO B 44 25.32 -24.88 -2.94
N GLY B 45 26.33 -24.03 -3.09
CA GLY B 45 27.28 -24.12 -4.22
C GLY B 45 26.89 -23.21 -5.38
N GLN B 46 25.59 -22.98 -5.60
CA GLN B 46 25.12 -21.96 -6.57
C GLN B 46 25.48 -20.56 -6.05
N SER B 47 25.88 -19.65 -6.94
CA SER B 47 26.20 -18.24 -6.57
C SER B 47 25.00 -17.63 -5.82
N GLU B 48 23.78 -17.93 -6.26
CA GLU B 48 22.57 -17.28 -5.69
C GLU B 48 22.46 -17.63 -4.19
N TYR B 49 22.62 -18.91 -3.85
CA TYR B 49 22.58 -19.39 -2.44
C TYR B 49 23.75 -18.77 -1.68
N ASN B 50 24.96 -18.87 -2.25
CA ASN B 50 26.22 -18.51 -1.54
C ASN B 50 26.25 -17.01 -1.21
N THR B 51 25.75 -16.13 -2.07
CA THR B 51 25.77 -14.67 -1.80
CA THR B 51 25.79 -14.67 -1.78
C THR B 51 24.86 -14.33 -0.63
N ILE B 52 23.69 -14.97 -0.56
CA ILE B 52 22.74 -14.77 0.56
C ILE B 52 23.40 -15.35 1.81
N LYS B 53 23.93 -16.57 1.72
CA LYS B 53 24.59 -17.17 2.90
C LYS B 53 25.70 -16.25 3.41
N ASP B 54 26.52 -15.70 2.51
CA ASP B 54 27.65 -14.82 2.91
C ASP B 54 27.10 -13.53 3.55
N LYS B 55 26.08 -12.92 2.94
CA LYS B 55 25.46 -11.65 3.44
C LYS B 55 24.96 -11.89 4.87
N PHE B 56 24.42 -13.08 5.13
CA PHE B 56 23.86 -13.46 6.44
C PHE B 56 25.01 -13.72 7.43
N THR B 57 25.98 -14.53 7.01
CA THR B 57 27.08 -15.03 7.89
CA THR B 57 27.06 -15.03 7.92
C THR B 57 27.99 -13.87 8.29
N ARG B 58 28.05 -12.81 7.47
CA ARG B 58 28.84 -11.58 7.77
C ARG B 58 28.58 -11.14 9.23
N THR B 59 27.35 -11.22 9.72
CA THR B 59 26.99 -10.78 11.11
C THR B 59 26.29 -11.90 11.91
N CYS B 60 25.99 -13.06 11.32
CA CYS B 60 25.28 -14.19 11.99
C CYS B 60 26.07 -15.51 11.88
N SER B 61 27.39 -15.46 12.03
CA SER B 61 28.28 -16.67 11.96
C SER B 61 27.98 -17.67 13.07
N SER B 62 27.29 -17.30 14.15
CA SER B 62 27.00 -18.24 15.27
C SER B 62 25.75 -19.09 14.97
N TYR B 63 24.96 -18.75 13.95
CA TYR B 63 23.73 -19.49 13.53
C TYR B 63 24.09 -20.36 12.33
N ALA B 64 23.24 -21.34 12.01
CA ALA B 64 23.42 -22.24 10.85
C ALA B 64 22.15 -22.23 10.01
N ILE B 65 22.31 -22.08 8.71
CA ILE B 65 21.18 -22.01 7.74
C ILE B 65 20.68 -23.42 7.47
N GLU B 66 19.39 -23.65 7.65
CA GLU B 66 18.74 -24.91 7.23
C GLU B 66 18.51 -24.87 5.72
N LYS B 67 17.87 -23.81 5.22
CA LYS B 67 17.58 -23.69 3.78
C LYS B 67 17.34 -22.23 3.41
N ILE B 68 17.45 -21.94 2.12
CA ILE B 68 17.15 -20.60 1.53
C ILE B 68 16.19 -20.84 0.37
N GLU B 69 15.03 -20.19 0.43
CA GLU B 69 13.99 -20.28 -0.61
C GLU B 69 13.89 -18.94 -1.34
N ARG B 70 13.93 -18.98 -2.67
CA ARG B 70 13.56 -17.83 -3.53
C ARG B 70 12.03 -17.72 -3.57
N ILE B 71 11.51 -16.53 -3.26
CA ILE B 71 10.06 -16.22 -3.29
C ILE B 71 9.72 -15.65 -4.66
N GLN B 72 8.89 -16.39 -5.40
CA GLN B 72 8.36 -16.01 -6.73
C GLN B 72 6.89 -15.68 -6.53
N ASN B 73 6.60 -14.39 -6.31
CA ASN B 73 5.23 -13.90 -6.10
C ASN B 73 4.95 -12.89 -7.22
N ALA B 74 4.20 -13.30 -8.24
CA ALA B 74 4.05 -12.52 -9.50
C ALA B 74 3.44 -11.15 -9.17
N PHE B 75 2.34 -11.15 -8.44
CA PHE B 75 1.56 -9.93 -8.11
C PHE B 75 2.40 -8.99 -7.24
N LEU B 76 3.05 -9.49 -6.19
CA LEU B 76 3.88 -8.60 -5.35
C LEU B 76 5.00 -8.01 -6.19
N TRP B 77 5.61 -8.81 -7.05
CA TRP B 77 6.74 -8.39 -7.91
C TRP B 77 6.25 -7.25 -8.83
N GLN B 78 5.11 -7.44 -9.48
CA GLN B 78 4.53 -6.46 -10.43
C GLN B 78 4.32 -5.11 -9.74
N SER B 79 3.66 -5.11 -8.58
CA SER B 79 3.31 -3.88 -7.82
C SER B 79 4.58 -3.21 -7.33
N TYR B 80 5.53 -4.00 -6.83
CA TYR B 80 6.85 -3.49 -6.37
C TYR B 80 7.62 -2.83 -7.51
N GLN B 81 7.74 -3.50 -8.66
CA GLN B 81 8.53 -2.98 -9.79
C GLN B 81 7.90 -1.70 -10.34
N VAL B 82 6.56 -1.58 -10.29
CA VAL B 82 5.86 -0.33 -10.68
C VAL B 82 6.28 0.80 -9.73
N LYS B 83 6.30 0.53 -8.43
CA LYS B 83 6.72 1.54 -7.43
C LYS B 83 8.20 1.89 -7.65
N LYS B 84 9.03 0.91 -8.01
CA LYS B 84 10.48 1.19 -8.23
C LYS B 84 10.65 2.09 -9.47
N ARG B 85 9.97 1.77 -10.57
CA ARG B 85 10.03 2.59 -11.80
C ARG B 85 9.62 4.03 -11.46
N GLN B 86 8.58 4.20 -10.65
CA GLN B 86 8.07 5.54 -10.25
C GLN B 86 9.13 6.28 -9.45
N MET B 87 9.78 5.60 -8.51
CA MET B 87 10.78 6.26 -7.65
C MET B 87 12.03 6.56 -8.49
N ASP B 88 12.36 5.67 -9.44
CA ASP B 88 13.52 5.87 -10.34
C ASP B 88 13.26 7.12 -11.21
N ILE B 89 12.02 7.32 -11.68
CA ILE B 89 11.63 8.55 -12.44
C ILE B 89 11.72 9.76 -11.50
N LYS B 90 11.08 9.68 -10.33
CA LYS B 90 10.89 10.84 -9.43
C LYS B 90 12.25 11.32 -8.90
N ASN B 91 13.14 10.41 -8.54
CA ASN B 91 14.43 10.74 -7.90
C ASN B 91 15.50 10.94 -8.99
N ASP B 92 16.60 11.59 -8.64
CA ASP B 92 17.62 12.09 -9.58
C ASP B 92 18.78 11.08 -9.68
N HIS B 93 18.63 10.05 -10.52
CA HIS B 93 19.67 8.99 -10.74
C HIS B 93 20.11 8.41 -9.39
N LYS B 94 19.16 8.18 -8.47
CA LYS B 94 19.47 7.65 -7.11
C LYS B 94 19.47 6.12 -7.19
N ASN B 95 20.35 5.47 -6.44
CA ASN B 95 20.22 4.04 -6.05
C ASN B 95 19.05 3.97 -5.07
N ASN B 96 17.83 3.66 -5.53
CA ASN B 96 16.64 3.73 -4.65
C ASN B 96 16.45 2.42 -3.88
N GLU B 97 17.15 1.34 -4.25
CA GLU B 97 16.86 0.00 -3.70
C GLU B 97 18.06 -0.54 -2.91
N ARG B 98 17.77 -1.04 -1.72
CA ARG B 98 18.75 -1.71 -0.85
CA ARG B 98 18.76 -1.72 -0.85
C ARG B 98 18.24 -3.13 -0.58
N LEU B 99 19.16 -4.05 -0.33
CA LEU B 99 18.79 -5.43 0.04
C LEU B 99 18.95 -5.53 1.55
N LEU B 100 17.85 -5.72 2.26
CA LEU B 100 17.80 -5.63 3.74
C LEU B 100 17.18 -6.90 4.31
N PHE B 101 17.22 -7.03 5.63
CA PHE B 101 16.75 -8.21 6.36
C PHE B 101 15.50 -7.86 7.14
N HIS B 102 14.63 -8.84 7.31
CA HIS B 102 13.42 -8.73 8.15
C HIS B 102 13.18 -10.06 8.89
N GLY B 103 13.36 -10.07 10.20
CA GLY B 103 13.05 -11.25 11.01
C GLY B 103 11.56 -11.31 11.23
N THR B 104 10.94 -12.50 11.17
CA THR B 104 9.54 -12.62 11.63
C THR B 104 9.25 -13.98 12.26
N ASP B 105 8.08 -14.08 12.88
CA ASP B 105 7.59 -15.30 13.56
C ASP B 105 7.02 -16.24 12.49
N ALA B 106 7.03 -17.54 12.77
CA ALA B 106 6.54 -18.58 11.84
C ALA B 106 5.10 -18.30 11.43
N ASP B 107 4.26 -17.81 12.35
CA ASP B 107 2.81 -17.60 12.12
C ASP B 107 2.60 -16.54 11.02
N SER B 108 3.55 -15.63 10.80
CA SER B 108 3.48 -14.50 9.83
C SER B 108 3.97 -14.93 8.43
N VAL B 109 4.76 -16.00 8.33
CA VAL B 109 5.45 -16.38 7.06
C VAL B 109 4.44 -16.61 5.93
N PRO B 110 3.35 -17.41 6.08
CA PRO B 110 2.42 -17.62 4.97
C PRO B 110 1.81 -16.30 4.45
N TYR B 111 1.46 -15.35 5.34
CA TYR B 111 0.88 -14.04 4.95
C TYR B 111 1.93 -13.24 4.18
N VAL B 112 3.16 -13.13 4.70
CA VAL B 112 4.24 -12.34 4.04
C VAL B 112 4.55 -12.92 2.66
N ASN B 113 4.69 -14.25 2.56
CA ASN B 113 4.98 -14.92 1.27
C ASN B 113 3.95 -14.50 0.22
N GLN B 114 2.68 -14.40 0.61
CA GLN B 114 1.52 -14.18 -0.29
C GLN B 114 1.30 -12.66 -0.47
N HIS B 115 1.45 -11.88 0.60
CA HIS B 115 0.90 -10.49 0.67
C HIS B 115 1.96 -9.44 0.98
N GLY B 116 3.17 -9.84 1.32
CA GLY B 116 4.26 -8.90 1.64
C GLY B 116 4.09 -8.31 3.03
N PHE B 117 4.63 -7.09 3.22
CA PHE B 117 4.82 -6.48 4.55
C PHE B 117 3.71 -5.45 4.75
N ASN B 118 2.88 -5.70 5.76
CA ASN B 118 1.74 -4.85 6.10
C ASN B 118 2.11 -4.02 7.34
N ARG B 119 2.26 -2.71 7.19
CA ARG B 119 2.60 -1.81 8.33
C ARG B 119 1.56 -1.97 9.45
N SER B 120 0.31 -2.29 9.11
CA SER B 120 -0.80 -2.39 10.08
C SER B 120 -0.58 -3.56 11.05
N CYS B 121 0.32 -4.50 10.73
CA CYS B 121 0.61 -5.73 11.52
C CYS B 121 1.95 -5.58 12.27
N ALA B 122 2.73 -4.53 11.98
CA ALA B 122 4.12 -4.36 12.48
C ALA B 122 4.10 -4.15 14.01
N GLY B 123 5.07 -4.74 14.72
CA GLY B 123 5.28 -4.49 16.16
C GLY B 123 5.93 -3.14 16.39
N LYS B 124 5.78 -2.57 17.58
CA LYS B 124 6.54 -1.39 18.03
C LYS B 124 7.99 -1.85 18.15
N ASN B 125 8.94 -1.15 17.51
CA ASN B 125 10.38 -1.51 17.58
C ASN B 125 10.93 -1.00 18.92
N ALA B 126 11.95 -1.65 19.48
CA ALA B 126 12.54 -1.23 20.78
C ALA B 126 13.07 0.20 20.69
N VAL B 127 13.60 0.60 19.54
CA VAL B 127 13.91 2.02 19.23
C VAL B 127 13.05 2.41 18.03
N SER B 128 11.97 3.17 18.25
CA SER B 128 11.02 3.50 17.17
C SER B 128 11.45 4.78 16.45
N TYR B 129 11.52 4.69 15.12
CA TYR B 129 11.75 5.83 14.19
C TYR B 129 10.51 6.05 13.34
N GLY B 130 9.38 5.52 13.77
CA GLY B 130 8.09 5.69 13.08
C GLY B 130 7.27 4.42 13.08
N LYS B 131 5.98 4.56 12.80
CA LYS B 131 5.01 3.44 12.75
C LYS B 131 5.01 2.91 11.31
N GLY B 132 5.93 2.03 11.00
CA GLY B 132 6.01 1.40 9.68
C GLY B 132 6.62 0.03 9.76
N THR B 133 6.98 -0.53 8.62
CA THR B 133 7.69 -1.84 8.59
C THR B 133 9.19 -1.57 8.67
N TYR B 134 9.89 -2.32 9.52
CA TYR B 134 11.33 -2.15 9.83
C TYR B 134 12.14 -3.17 9.03
N PHE B 135 13.25 -2.72 8.45
CA PHE B 135 14.23 -3.55 7.71
C PHE B 135 15.64 -3.23 8.20
N ALA B 136 16.44 -4.27 8.44
CA ALA B 136 17.79 -4.18 9.04
C ALA B 136 18.86 -4.28 7.96
N VAL B 137 19.92 -3.50 8.10
CA VAL B 137 21.14 -3.60 7.26
C VAL B 137 21.87 -4.90 7.62
N ASP B 138 21.94 -5.24 8.90
CA ASP B 138 22.71 -6.40 9.43
C ASP B 138 21.77 -7.54 9.78
N ALA B 139 22.02 -8.74 9.26
CA ALA B 139 21.27 -9.97 9.61
C ALA B 139 21.24 -10.16 11.13
N SER B 140 22.32 -9.83 11.85
CA SER B 140 22.42 -9.96 13.33
C SER B 140 21.24 -9.27 14.03
N TYR B 141 20.79 -8.13 13.52
CA TYR B 141 19.65 -7.38 14.12
C TYR B 141 18.37 -8.20 13.96
N SER B 142 18.09 -8.67 12.75
CA SER B 142 16.87 -9.46 12.44
C SER B 142 16.94 -10.83 13.14
N ALA B 143 18.14 -11.31 13.47
CA ALA B 143 18.39 -12.65 14.08
C ALA B 143 17.98 -12.65 15.56
N LYS B 144 17.73 -11.49 16.16
CA LYS B 144 17.27 -11.43 17.57
C LYS B 144 15.95 -12.18 17.72
N ASP B 145 15.78 -12.88 18.84
CA ASP B 145 14.57 -13.70 19.12
C ASP B 145 13.33 -12.81 19.10
N THR B 146 13.47 -11.52 19.42
CA THR B 146 12.33 -10.57 19.44
CA THR B 146 12.32 -10.57 19.44
C THR B 146 11.74 -10.42 18.03
N TYR B 147 12.56 -10.58 16.99
CA TYR B 147 12.12 -10.42 15.57
C TYR B 147 11.91 -11.78 14.89
N SER B 148 12.95 -12.61 14.86
CA SER B 148 12.89 -13.97 14.29
C SER B 148 12.61 -15.00 15.39
N LYS B 149 11.40 -14.98 15.93
CA LYS B 149 10.98 -15.80 17.09
C LYS B 149 11.21 -17.27 16.71
N PRO B 150 12.01 -18.03 17.49
CA PRO B 150 12.14 -19.47 17.27
C PRO B 150 10.77 -20.14 17.34
N ASP B 151 10.45 -21.01 16.39
CA ASP B 151 9.17 -21.75 16.38
C ASP B 151 9.28 -22.96 17.33
N SER B 152 8.23 -23.77 17.42
CA SER B 152 8.19 -24.94 18.36
C SER B 152 9.27 -25.97 18.01
N ASN B 153 9.92 -25.86 16.85
CA ASN B 153 11.02 -26.78 16.42
C ASN B 153 12.38 -26.09 16.47
N GLY B 154 12.45 -24.87 17.01
CA GLY B 154 13.72 -24.13 17.13
C GLY B 154 14.16 -23.52 15.82
N ARG B 155 13.27 -23.42 14.84
CA ARG B 155 13.58 -22.75 13.56
C ARG B 155 13.25 -21.26 13.67
N LYS B 156 14.19 -20.44 13.22
CA LYS B 156 14.09 -18.97 13.09
C LYS B 156 13.98 -18.62 11.60
N HIS B 157 13.24 -17.56 11.27
CA HIS B 157 12.89 -17.17 9.88
C HIS B 157 13.25 -15.71 9.65
N MET B 158 13.97 -15.46 8.57
CA MET B 158 14.44 -14.11 8.20
C MET B 158 14.26 -13.96 6.70
N TYR B 159 13.55 -12.90 6.29
CA TYR B 159 13.43 -12.51 4.87
C TYR B 159 14.63 -11.68 4.46
N VAL B 160 15.04 -11.85 3.20
CA VAL B 160 15.96 -10.95 2.49
C VAL B 160 15.08 -10.20 1.50
N VAL B 161 15.13 -8.86 1.54
CA VAL B 161 14.04 -8.00 1.01
C VAL B 161 14.62 -6.89 0.16
N ARG B 162 14.09 -6.71 -1.06
CA ARG B 162 14.40 -5.53 -1.87
C ARG B 162 13.52 -4.41 -1.32
N VAL B 163 14.14 -3.34 -0.82
CA VAL B 163 13.43 -2.23 -0.16
C VAL B 163 13.71 -0.94 -0.92
N LEU B 164 12.66 -0.19 -1.26
CA LEU B 164 12.79 1.12 -1.93
C LEU B 164 13.02 2.19 -0.85
N THR B 165 14.25 2.29 -0.38
CA THR B 165 14.70 3.28 0.63
C THR B 165 14.68 4.67 0.00
N GLY B 166 15.00 4.77 -1.29
CA GLY B 166 14.99 6.07 -1.99
C GLY B 166 15.78 7.12 -1.24
N VAL B 167 15.18 8.31 -1.10
CA VAL B 167 15.81 9.44 -0.36
C VAL B 167 15.26 9.41 1.06
N PHE B 168 16.14 9.36 2.05
CA PHE B 168 15.74 9.09 3.45
C PHE B 168 16.33 10.15 4.38
N THR B 169 15.71 10.25 5.56
CA THR B 169 16.14 11.13 6.66
C THR B 169 15.97 10.35 7.97
N LYS B 170 16.52 10.88 9.05
CA LYS B 170 16.33 10.29 10.40
C LYS B 170 14.85 10.35 10.74
N GLY B 171 14.28 9.23 11.14
CA GLY B 171 12.87 9.13 11.51
C GLY B 171 12.62 9.62 12.93
N ARG B 172 11.37 9.53 13.36
CA ARG B 172 10.95 9.87 14.74
CA ARG B 172 10.87 9.96 14.69
C ARG B 172 9.69 9.07 15.05
N ALA B 173 9.53 8.72 16.33
CA ALA B 173 8.50 7.77 16.81
C ALA B 173 7.10 8.16 16.33
N GLY B 174 6.78 9.45 16.23
CA GLY B 174 5.40 9.88 15.87
C GLY B 174 4.97 9.61 14.43
N LEU B 175 5.88 9.31 13.51
CA LEU B 175 5.58 9.27 12.05
C LEU B 175 4.63 8.12 11.69
N VAL B 176 3.60 8.40 10.90
CA VAL B 176 2.73 7.36 10.26
C VAL B 176 2.95 7.38 8.73
N THR B 177 3.66 8.39 8.22
CA THR B 177 4.20 8.52 6.85
C THR B 177 5.61 9.08 6.96
N PRO B 178 6.47 8.97 5.92
CA PRO B 178 7.76 9.64 5.97
C PRO B 178 7.45 11.13 6.05
N PRO B 179 8.38 11.93 6.59
CA PRO B 179 8.14 13.35 6.76
C PRO B 179 8.35 14.04 5.41
N PRO B 180 7.86 15.28 5.29
CA PRO B 180 8.14 16.08 4.10
C PRO B 180 9.63 16.47 4.06
N LYS B 181 10.15 16.62 2.86
CA LYS B 181 11.51 17.16 2.64
C LYS B 181 11.53 18.64 3.06
N ASN B 182 10.40 19.31 2.92
CA ASN B 182 10.28 20.78 3.06
C ASN B 182 9.00 21.07 3.82
N PRO B 183 9.08 21.73 5.01
CA PRO B 183 7.88 21.96 5.82
C PRO B 183 6.80 22.77 5.09
N HIS B 184 7.17 23.58 4.09
CA HIS B 184 6.20 24.44 3.36
C HIS B 184 5.61 23.71 2.15
N ASN B 185 5.98 22.44 1.97
CA ASN B 185 5.40 21.57 0.91
C ASN B 185 5.13 20.21 1.55
N PRO B 186 4.07 20.13 2.39
CA PRO B 186 3.84 18.94 3.22
C PRO B 186 3.63 17.63 2.44
N THR B 187 3.30 17.67 1.14
CA THR B 187 2.97 16.42 0.38
C THR B 187 4.18 15.87 -0.37
N ASP B 188 5.32 16.58 -0.40
CA ASP B 188 6.51 16.08 -1.13
C ASP B 188 7.40 15.36 -0.12
N LEU B 189 7.34 14.02 -0.09
CA LEU B 189 7.82 13.21 1.06
C LEU B 189 9.18 12.60 0.78
N PHE B 190 9.96 12.38 1.84
CA PHE B 190 11.06 11.38 1.84
C PHE B 190 10.45 10.02 1.50
N ASP B 191 11.26 9.12 0.93
CA ASP B 191 10.77 7.76 0.56
C ASP B 191 10.75 6.84 1.77
N SER B 192 11.67 7.06 2.73
CA SER B 192 11.83 6.20 3.92
C SER B 192 12.54 6.99 5.01
N VAL B 193 12.62 6.42 6.20
CA VAL B 193 13.41 7.01 7.31
C VAL B 193 14.37 5.95 7.84
N THR B 194 15.38 6.42 8.56
CA THR B 194 16.46 5.59 9.12
C THR B 194 16.72 5.98 10.57
N ASN B 195 17.56 5.22 11.27
CA ASN B 195 17.96 5.56 12.66
C ASN B 195 19.05 6.64 12.62
N ASN B 196 19.84 6.67 11.54
CA ASN B 196 21.08 7.51 11.44
C ASN B 196 21.45 7.67 9.97
N THR B 197 21.40 8.89 9.41
CA THR B 197 21.63 9.09 7.94
C THR B 197 23.10 8.82 7.58
N ARG B 198 24.03 9.10 8.49
CA ARG B 198 25.50 8.94 8.27
C ARG B 198 25.86 7.44 8.27
N SER B 199 25.32 6.68 9.22
CA SER B 199 25.55 5.21 9.39
C SER B 199 24.22 4.48 9.55
N PRO B 200 23.42 4.32 8.47
CA PRO B 200 22.11 3.70 8.59
C PRO B 200 22.25 2.22 8.98
N LYS B 201 21.46 1.77 9.95
CA LYS B 201 21.41 0.34 10.35
C LYS B 201 19.97 -0.19 10.24
N LEU B 202 18.96 0.68 10.23
CA LEU B 202 17.60 0.23 9.90
C LEU B 202 16.86 1.27 9.06
N PHE B 203 15.88 0.78 8.32
CA PHE B 203 15.02 1.62 7.46
C PHE B 203 13.57 1.27 7.76
N VAL B 204 12.73 2.28 7.71
CA VAL B 204 11.27 2.13 7.96
C VAL B 204 10.57 2.62 6.71
N VAL B 205 9.64 1.82 6.20
CA VAL B 205 8.78 2.19 5.05
C VAL B 205 7.33 2.16 5.50
N PHE B 206 6.52 3.02 4.87
CA PHE B 206 5.17 3.34 5.36
C PHE B 206 4.12 3.07 4.30
N PHE B 207 4.50 2.45 3.18
CA PHE B 207 3.53 2.15 2.10
C PHE B 207 3.65 0.71 1.62
N ASP B 208 2.53 0.17 1.13
CA ASP B 208 2.44 -1.17 0.53
C ASP B 208 3.31 -1.21 -0.73
N ASN B 209 3.89 -2.36 -1.03
CA ASN B 209 4.59 -2.58 -2.32
C ASN B 209 5.85 -1.69 -2.39
N GLN B 210 6.42 -1.26 -1.24
CA GLN B 210 7.74 -0.60 -1.20
C GLN B 210 8.84 -1.60 -0.86
N ALA B 211 8.47 -2.86 -0.61
CA ALA B 211 9.38 -3.92 -0.14
C ALA B 211 8.93 -5.23 -0.78
N TYR B 212 9.87 -5.92 -1.43
CA TYR B 212 9.59 -7.22 -2.08
C TYR B 212 10.35 -8.30 -1.32
N PRO B 213 9.64 -9.27 -0.71
CA PRO B 213 10.28 -10.36 0.03
C PRO B 213 10.87 -11.31 -1.00
N GLU B 214 12.20 -11.33 -1.11
CA GLU B 214 12.88 -12.03 -2.22
C GLU B 214 13.31 -13.43 -1.79
N TYR B 215 13.85 -13.58 -0.58
CA TYR B 215 14.34 -14.88 -0.06
C TYR B 215 13.84 -15.05 1.36
N LEU B 216 13.55 -16.30 1.72
CA LEU B 216 13.27 -16.72 3.10
C LEU B 216 14.40 -17.62 3.57
N ILE B 217 15.14 -17.17 4.58
CA ILE B 217 16.20 -17.97 5.24
C ILE B 217 15.54 -18.65 6.44
N THR B 218 15.62 -19.98 6.51
CA THR B 218 15.27 -20.75 7.71
C THR B 218 16.57 -21.16 8.38
N PHE B 219 16.73 -20.89 9.67
CA PHE B 219 18.03 -21.11 10.36
C PHE B 219 17.79 -21.52 11.81
N THR B 220 18.84 -22.06 12.43
CA THR B 220 18.82 -22.59 13.82
C THR B 220 20.10 -22.15 14.53
N ALA B 221 20.11 -22.24 15.86
CA ALA B 221 21.34 -22.16 16.68
C ALA B 221 22.17 -23.45 16.46
#